data_7F6Q
#
_entry.id   7F6Q
#
_cell.length_a   72.170
_cell.length_b   72.170
_cell.length_c   114.300
_cell.angle_alpha   90.000
_cell.angle_beta   90.000
_cell.angle_gamma   120.000
#
_symmetry.space_group_name_H-M   'P 31 2 1'
#
loop_
_entity.id
_entity.type
_entity.pdbx_description
1 polymer 'Iron ABC transporter, periplasmic iron-binding protein'
2 non-polymer 'CHLORIDE ION'
3 non-polymer 'SULFUR DIOXIDE'
4 non-polymer 'CARBON DIOXIDE'
5 non-polymer 'ACETATE ION'
6 non-polymer 1,2-ETHANEDIOL
7 non-polymer 1,3-PROPANDIOL
8 non-polymer DI(HYDROXYETHYL)ETHER
9 water water
#
_entity_poly.entity_id   1
_entity_poly.type   'polypeptide(L)'
_entity_poly.pdbx_seq_one_letter_code
;MMQQSRPASDPQVVEAARKEGRLIIYSSTDQSSAQALLDDFRKLYPFIQIEYNDLGTQAIYDRFVSETAAGASSADLLWS
AAMELQVKLASEGYALPYDSPEAKNWPANARLGNLAYSTTLEPAVVVYNKRFLKPEEVPTTREGLARLLQEPRMRGRVAT
WDPERSAVGFTILKADYDRFPAFQELARAFGKAQAALYSSTGAAFEKVISGEHYLAYGFFGSYALLRQRTVKDLGIAYLT
DGTVAIQRVAFINKRAAHPNAAKLFLDYLLSLRGQNLMAYTALIFARRETVVGEATPQALYKAVGGKDKVYAIPVSTEIL
KNLDPAERMRFLTFWRQAVRGQ
;
_entity_poly.pdbx_strand_id   A
#
# COMPACT_ATOMS: atom_id res chain seq x y z
N GLN A 3 18.02 -24.12 -6.50
CA GLN A 3 18.90 -23.14 -5.78
C GLN A 3 17.99 -21.97 -5.42
N GLN A 4 17.46 -21.96 -4.17
CA GLN A 4 16.53 -20.99 -3.44
C GLN A 4 17.00 -20.94 -1.97
N SER A 5 16.69 -19.79 -1.32
CA SER A 5 16.82 -19.45 0.11
C SER A 5 15.57 -19.89 0.81
N ARG A 6 15.64 -19.97 2.10
CA ARG A 6 14.38 -20.02 2.88
C ARG A 6 14.48 -18.84 3.83
N PRO A 7 13.40 -18.36 4.43
CA PRO A 7 13.54 -17.37 5.50
C PRO A 7 14.30 -17.94 6.69
N ALA A 8 15.04 -17.05 7.36
CA ALA A 8 15.90 -17.38 8.52
C ALA A 8 15.09 -17.41 9.79
N SER A 9 13.98 -18.12 9.76
CA SER A 9 13.14 -18.28 10.97
C SER A 9 13.85 -19.21 11.95
N ASP A 10 13.74 -19.00 13.28
CA ASP A 10 14.37 -19.84 14.33
C ASP A 10 13.73 -21.23 14.25
N PRO A 11 14.54 -22.31 14.22
CA PRO A 11 14.01 -23.67 14.23
C PRO A 11 13.02 -23.95 15.34
N GLN A 12 13.14 -23.33 16.51
CA GLN A 12 12.17 -23.52 17.59
C GLN A 12 10.81 -22.86 17.29
N VAL A 13 10.84 -21.76 16.55
CA VAL A 13 9.58 -21.11 16.10
C VAL A 13 8.91 -22.04 15.08
N VAL A 14 9.69 -22.66 14.20
CA VAL A 14 9.15 -23.65 13.22
C VAL A 14 8.49 -24.80 13.99
N GLU A 15 9.15 -25.31 15.02
CA GLU A 15 8.57 -26.49 15.74
C GLU A 15 7.35 -25.99 16.49
N ALA A 16 7.30 -24.78 17.07
CA ALA A 16 6.08 -24.36 17.80
C ALA A 16 4.94 -24.13 16.78
N ALA A 17 5.27 -23.66 15.60
CA ALA A 17 4.27 -23.48 14.54
C ALA A 17 3.70 -24.83 14.11
N ARG A 18 4.52 -25.83 14.02
CA ARG A 18 4.08 -27.21 13.66
C ARG A 18 3.02 -27.66 14.65
N LYS A 19 3.25 -27.42 15.92
CA LYS A 19 2.26 -27.76 16.97
C LYS A 19 0.98 -26.97 16.80
N GLU A 20 1.06 -25.70 16.43
CA GLU A 20 -0.14 -24.84 16.28
C GLU A 20 -0.91 -25.32 15.07
N GLY A 21 -0.25 -25.51 13.97
CA GLY A 21 -0.89 -26.12 12.75
C GLY A 21 -1.80 -25.20 11.96
N ARG A 22 -1.90 -23.93 12.29
CA ARG A 22 -2.97 -23.06 11.73
C ARG A 22 -2.47 -21.62 11.74
N LEU A 23 -2.95 -20.85 10.80
CA LEU A 23 -2.58 -19.43 10.73
C LEU A 23 -3.79 -18.71 10.18
N ILE A 24 -4.23 -17.64 10.86
CA ILE A 24 -5.38 -16.80 10.48
C ILE A 24 -4.85 -15.39 10.16
N ILE A 25 -5.04 -14.99 8.93
CA ILE A 25 -4.61 -13.69 8.39
C ILE A 25 -5.81 -12.80 8.10
N TYR A 26 -5.77 -11.55 8.56
CA TYR A 26 -6.70 -10.53 8.01
C TYR A 26 -5.84 -9.63 7.16
N SER A 27 -6.14 -9.47 5.87
CA SER A 27 -5.32 -8.73 4.94
C SER A 27 -6.14 -7.93 3.96
N SER A 28 -5.64 -6.76 3.64
CA SER A 28 -6.19 -5.93 2.55
C SER A 28 -5.63 -6.36 1.19
N THR A 29 -4.65 -7.28 1.13
CA THR A 29 -4.06 -7.71 -0.15
C THR A 29 -5.03 -8.69 -0.83
N ASP A 30 -5.46 -8.38 -2.04
CA ASP A 30 -6.33 -9.27 -2.81
C ASP A 30 -5.74 -10.69 -2.77
N GLN A 31 -6.56 -11.64 -2.43
CA GLN A 31 -6.12 -13.04 -2.36
C GLN A 31 -5.53 -13.49 -3.68
N SER A 32 -6.06 -13.10 -4.83
CA SER A 32 -5.47 -13.48 -6.12
CA SER A 32 -5.44 -13.55 -6.10
C SER A 32 -4.02 -13.00 -6.17
N SER A 33 -3.77 -11.83 -5.63
CA SER A 33 -2.38 -11.26 -5.56
C SER A 33 -1.46 -12.01 -4.61
N ALA A 34 -1.98 -12.43 -3.49
CA ALA A 34 -1.22 -13.08 -2.41
C ALA A 34 -1.08 -14.59 -2.67
N GLN A 35 -1.83 -15.15 -3.60
CA GLN A 35 -1.95 -16.66 -3.73
C GLN A 35 -0.57 -17.31 -3.89
N ALA A 36 0.27 -16.81 -4.79
CA ALA A 36 1.59 -17.45 -5.00
C ALA A 36 2.37 -17.40 -3.69
N LEU A 37 2.27 -16.31 -2.92
CA LEU A 37 2.93 -16.18 -1.59
C LEU A 37 2.38 -17.26 -0.67
N LEU A 38 1.06 -17.39 -0.62
CA LEU A 38 0.46 -18.39 0.29
C LEU A 38 0.87 -19.81 -0.13
N ASP A 39 0.90 -20.08 -1.43
CA ASP A 39 1.27 -21.41 -1.92
C ASP A 39 2.74 -21.65 -1.56
N ASP A 40 3.62 -20.66 -1.75
CA ASP A 40 5.06 -20.88 -1.49
C ASP A 40 5.29 -21.08 -0.01
N PHE A 41 4.60 -20.26 0.83
CA PHE A 41 4.73 -20.41 2.28
C PHE A 41 4.33 -21.84 2.66
N ARG A 42 3.23 -22.36 2.13
CA ARG A 42 2.77 -23.76 2.46
C ARG A 42 3.71 -24.82 1.88
N LYS A 43 4.42 -24.53 0.79
CA LYS A 43 5.54 -25.42 0.36
C LYS A 43 6.61 -25.48 1.44
N LEU A 44 7.09 -24.37 1.99
CA LEU A 44 8.08 -24.37 3.07
C LEU A 44 7.53 -25.08 4.28
N TYR A 45 6.24 -24.87 4.59
CA TYR A 45 5.64 -25.26 5.90
C TYR A 45 4.32 -25.96 5.61
N PRO A 46 4.37 -27.21 5.11
CA PRO A 46 3.13 -27.84 4.70
C PRO A 46 2.19 -28.17 5.87
N PHE A 47 2.71 -28.12 7.09
CA PHE A 47 1.95 -28.45 8.32
C PHE A 47 1.10 -27.26 8.77
N ILE A 48 1.01 -26.17 8.02
CA ILE A 48 0.23 -24.99 8.50
C ILE A 48 -0.97 -24.81 7.59
N GLN A 49 -2.16 -24.91 8.11
CA GLN A 49 -3.37 -24.60 7.34
C GLN A 49 -3.61 -23.07 7.45
N ILE A 50 -3.86 -22.40 6.33
CA ILE A 50 -4.02 -20.93 6.36
C ILE A 50 -5.45 -20.58 6.10
N GLU A 51 -5.96 -19.71 6.95
CA GLU A 51 -7.24 -19.02 6.69
CA GLU A 51 -7.25 -19.01 6.76
C GLU A 51 -6.94 -17.59 6.30
N TYR A 52 -7.11 -17.30 5.04
CA TYR A 52 -6.79 -15.97 4.49
C TYR A 52 -8.08 -15.17 4.33
N ASN A 53 -8.19 -14.08 5.08
CA ASN A 53 -9.41 -13.26 5.03
C ASN A 53 -9.08 -11.98 4.30
N ASP A 54 -9.53 -11.91 3.07
CA ASP A 54 -9.33 -10.74 2.17
C ASP A 54 -10.40 -9.69 2.49
N LEU A 55 -10.01 -8.54 3.08
CA LEU A 55 -11.01 -7.59 3.68
C LEU A 55 -10.57 -6.18 3.36
N GLY A 56 -11.53 -5.28 3.33
CA GLY A 56 -11.20 -3.86 3.22
C GLY A 56 -10.46 -3.33 4.46
N THR A 57 -9.73 -2.23 4.33
CA THR A 57 -8.88 -1.78 5.47
C THR A 57 -9.73 -1.44 6.70
N GLN A 58 -10.84 -0.70 6.53
CA GLN A 58 -11.62 -0.32 7.72
C GLN A 58 -12.22 -1.58 8.32
N ALA A 59 -12.65 -2.48 7.45
CA ALA A 59 -13.23 -3.74 7.90
C ALA A 59 -12.26 -4.51 8.78
N ILE A 60 -11.02 -4.56 8.38
CA ILE A 60 -9.95 -5.23 9.19
C ILE A 60 -9.86 -4.62 10.59
N TYR A 61 -9.70 -3.32 10.66
CA TYR A 61 -9.54 -2.61 11.95
C TYR A 61 -10.79 -2.87 12.79
N ASP A 62 -11.99 -2.68 12.18
CA ASP A 62 -13.24 -2.86 12.98
C ASP A 62 -13.43 -4.32 13.49
N ARG A 63 -13.13 -5.32 12.66
CA ARG A 63 -13.32 -6.70 13.09
C ARG A 63 -12.31 -7.01 14.19
N PHE A 64 -11.05 -6.63 13.96
CA PHE A 64 -9.98 -6.89 14.94
C PHE A 64 -10.28 -6.27 16.31
N VAL A 65 -10.68 -4.99 16.30
CA VAL A 65 -10.85 -4.36 17.65
CA VAL A 65 -10.93 -4.23 17.56
C VAL A 65 -12.16 -4.85 18.26
N SER A 66 -13.17 -5.13 17.45
CA SER A 66 -14.43 -5.68 17.94
C SER A 66 -14.24 -7.07 18.50
N GLU A 67 -13.57 -7.97 17.80
CA GLU A 67 -13.28 -9.29 18.34
C GLU A 67 -12.42 -9.16 19.62
N THR A 68 -11.37 -8.33 19.61
CA THR A 68 -10.51 -8.23 20.78
C THR A 68 -11.37 -7.74 21.94
N ALA A 69 -12.18 -6.74 21.68
CA ALA A 69 -12.98 -6.09 22.77
C ALA A 69 -13.91 -7.09 23.42
N ALA A 70 -14.50 -7.99 22.65
CA ALA A 70 -15.40 -9.03 23.12
C ALA A 70 -14.73 -10.24 23.73
N GLY A 71 -13.41 -10.31 23.65
CA GLY A 71 -12.61 -11.48 24.04
C GLY A 71 -12.81 -12.65 23.11
N ALA A 72 -13.19 -12.41 21.86
CA ALA A 72 -13.34 -13.46 20.84
C ALA A 72 -11.95 -13.72 20.27
N SER A 73 -11.74 -14.93 19.81
CA SER A 73 -10.48 -15.18 19.06
C SER A 73 -10.47 -14.31 17.79
N SER A 74 -9.27 -13.89 17.37
CA SER A 74 -9.15 -13.00 16.22
C SER A 74 -7.98 -13.47 15.38
N ALA A 75 -7.55 -12.63 14.49
CA ALA A 75 -6.46 -13.00 13.57
C ALA A 75 -5.17 -13.31 14.32
N ASP A 76 -4.27 -14.09 13.72
CA ASP A 76 -2.89 -14.16 14.24
C ASP A 76 -2.04 -13.02 13.66
N LEU A 77 -2.30 -12.62 12.43
CA LEU A 77 -1.49 -11.61 11.70
C LEU A 77 -2.38 -10.66 10.91
N LEU A 78 -2.10 -9.37 11.03
CA LEU A 78 -2.82 -8.26 10.39
CA LEU A 78 -2.83 -8.33 10.30
C LEU A 78 -1.90 -7.65 9.35
N TRP A 79 -2.34 -7.59 8.07
CA TRP A 79 -1.52 -7.05 7.00
C TRP A 79 -2.35 -6.08 6.18
N SER A 80 -2.07 -4.80 6.32
CA SER A 80 -2.97 -3.75 5.82
C SER A 80 -2.28 -2.54 5.27
N ALA A 81 -2.87 -1.97 4.17
CA ALA A 81 -2.36 -0.74 3.52
C ALA A 81 -2.83 0.52 4.26
N ALA A 82 -3.67 0.38 5.27
CA ALA A 82 -4.12 1.51 6.12
C ALA A 82 -3.08 1.76 7.20
N MET A 83 -2.08 2.55 6.88
CA MET A 83 -0.89 2.74 7.69
C MET A 83 -1.28 3.31 9.06
N GLU A 84 -2.11 4.34 9.09
CA GLU A 84 -2.40 4.96 10.39
C GLU A 84 -3.16 3.96 11.26
N LEU A 85 -4.12 3.21 10.73
CA LEU A 85 -4.86 2.24 11.56
C LEU A 85 -3.95 1.14 12.10
N GLN A 86 -3.05 0.68 11.26
CA GLN A 86 -2.09 -0.35 11.70
C GLN A 86 -1.15 0.21 12.78
N VAL A 87 -0.62 1.39 12.62
CA VAL A 87 0.29 2.00 13.61
C VAL A 87 -0.51 2.28 14.89
N LYS A 88 -1.75 2.75 14.76
CA LYS A 88 -2.60 2.99 15.95
C LYS A 88 -2.77 1.70 16.76
N LEU A 89 -3.05 0.56 16.11
CA LEU A 89 -3.21 -0.68 16.85
C LEU A 89 -1.88 -1.04 17.51
N ALA A 90 -0.76 -0.98 16.77
CA ALA A 90 0.54 -1.33 17.43
C ALA A 90 0.91 -0.34 18.57
N SER A 91 0.57 0.91 18.42
CA SER A 91 0.82 2.03 19.38
CA SER A 91 0.87 2.00 19.40
C SER A 91 0.02 1.78 20.67
N GLU A 92 -1.03 0.97 20.60
CA GLU A 92 -1.98 0.83 21.71
C GLU A 92 -1.84 -0.53 22.41
N GLY A 93 -0.90 -1.37 22.02
CA GLY A 93 -0.62 -2.62 22.72
C GLY A 93 -1.37 -3.85 22.15
N TYR A 94 -1.80 -3.75 20.91
CA TYR A 94 -2.46 -4.87 20.25
C TYR A 94 -1.41 -5.82 19.65
N ALA A 95 -0.19 -5.38 19.44
CA ALA A 95 0.81 -6.18 18.69
C ALA A 95 1.66 -6.99 19.66
N LEU A 96 2.07 -8.21 19.24
CA LEU A 96 3.09 -9.03 19.94
C LEU A 96 4.46 -8.49 19.64
N PRO A 97 5.28 -8.07 20.65
CA PRO A 97 6.67 -7.72 20.39
C PRO A 97 7.44 -8.92 19.85
N TYR A 98 8.05 -8.71 18.69
CA TYR A 98 8.76 -9.76 17.95
C TYR A 98 9.77 -9.02 17.12
N ASP A 99 11.06 -9.32 17.31
CA ASP A 99 12.16 -8.77 16.48
C ASP A 99 12.49 -9.71 15.31
N SER A 100 11.96 -9.52 14.08
CA SER A 100 12.06 -10.55 12.99
C SER A 100 13.50 -10.74 12.60
N PRO A 101 14.00 -12.00 12.54
CA PRO A 101 15.34 -12.19 12.05
C PRO A 101 15.51 -11.73 10.60
N GLU A 102 14.44 -11.51 9.85
CA GLU A 102 14.55 -11.11 8.41
C GLU A 102 14.61 -9.59 8.29
N ALA A 103 14.51 -8.82 9.39
CA ALA A 103 14.38 -7.33 9.38
C ALA A 103 15.62 -6.63 9.92
N LYS A 104 16.74 -7.33 9.93
CA LYS A 104 17.98 -6.78 10.56
C LYS A 104 18.36 -5.51 9.84
N ASN A 105 18.16 -5.50 8.53
CA ASN A 105 18.57 -4.30 7.78
C ASN A 105 17.34 -3.56 7.32
N TRP A 106 16.21 -3.71 8.02
CA TRP A 106 15.06 -2.92 7.63
C TRP A 106 15.33 -1.48 7.95
N PRO A 107 15.00 -0.61 7.03
CA PRO A 107 15.23 0.79 7.25
C PRO A 107 14.46 1.29 8.44
N ALA A 108 14.86 2.43 8.94
CA ALA A 108 14.22 3.03 10.11
C ALA A 108 12.75 3.38 9.85
N ASN A 109 12.41 4.00 8.67
CA ASN A 109 11.05 4.46 8.31
C ASN A 109 10.17 3.25 7.90
N ALA A 110 10.68 2.05 8.14
CA ALA A 110 10.05 0.80 7.71
C ALA A 110 9.63 -0.09 8.88
N ARG A 111 9.81 0.35 10.12
CA ARG A 111 9.38 -0.44 11.29
C ARG A 111 9.11 0.47 12.49
N LEU A 112 8.19 0.00 13.30
CA LEU A 112 7.87 0.60 14.63
C LEU A 112 8.43 -0.40 15.65
N GLY A 113 9.68 -0.14 16.05
CA GLY A 113 10.39 -1.04 16.99
C GLY A 113 10.32 -2.47 16.58
N ASN A 114 9.85 -3.31 17.51
CA ASN A 114 9.60 -4.75 17.32
C ASN A 114 8.12 -5.02 17.27
N LEU A 115 7.33 -4.00 16.89
CA LEU A 115 5.85 -4.13 16.88
C LEU A 115 5.32 -4.32 15.45
N ALA A 116 5.72 -3.51 14.49
CA ALA A 116 5.02 -3.44 13.18
C ALA A 116 6.07 -3.18 12.12
N TYR A 117 5.85 -3.80 10.95
CA TYR A 117 6.84 -3.77 9.86
C TYR A 117 6.16 -3.38 8.55
N SER A 118 6.91 -2.63 7.82
CA SER A 118 6.60 -2.44 6.37
C SER A 118 6.91 -3.70 5.58
N THR A 119 6.04 -4.01 4.64
CA THR A 119 6.27 -5.13 3.68
C THR A 119 6.45 -4.57 2.28
N THR A 120 6.14 -3.30 2.03
CA THR A 120 6.10 -2.80 0.63
C THR A 120 6.59 -1.35 0.58
N LEU A 121 6.96 -0.89 -0.59
CA LEU A 121 7.32 0.52 -0.76
C LEU A 121 6.70 0.98 -2.09
N GLU A 122 5.45 1.47 -2.05
CA GLU A 122 4.54 1.50 -3.25
C GLU A 122 4.30 2.92 -3.72
N PRO A 123 4.80 3.28 -4.89
CA PRO A 123 4.64 4.67 -5.31
C PRO A 123 3.22 5.02 -5.82
N ALA A 124 2.79 6.23 -5.48
CA ALA A 124 1.62 6.83 -6.13
C ALA A 124 2.04 7.33 -7.50
N VAL A 125 1.38 6.88 -8.56
CA VAL A 125 1.79 7.19 -9.96
C VAL A 125 0.63 7.83 -10.73
N VAL A 126 0.91 8.13 -11.97
CA VAL A 126 -0.12 8.52 -12.95
C VAL A 126 -0.41 7.31 -13.80
N VAL A 127 -1.68 7.02 -14.08
CA VAL A 127 -1.99 6.02 -15.13
C VAL A 127 -2.90 6.67 -16.17
N TYR A 128 -2.89 6.10 -17.34
CA TYR A 128 -3.63 6.71 -18.46
C TYR A 128 -4.02 5.64 -19.45
N ASN A 129 -4.96 6.01 -20.30
CA ASN A 129 -5.37 5.16 -21.45
C ASN A 129 -4.55 5.60 -22.69
N LYS A 130 -3.75 4.68 -23.19
CA LYS A 130 -2.88 4.84 -24.37
C LYS A 130 -3.68 5.12 -25.63
N ARG A 131 -4.97 4.79 -25.69
CA ARG A 131 -5.74 5.12 -26.93
C ARG A 131 -6.10 6.62 -26.98
N PHE A 132 -6.00 7.36 -25.87
CA PHE A 132 -6.50 8.75 -25.72
C PHE A 132 -5.40 9.74 -25.40
N LEU A 133 -4.33 9.31 -24.75
CA LEU A 133 -3.15 10.15 -24.44
C LEU A 133 -1.93 9.38 -24.89
N LYS A 134 -1.09 10.00 -25.71
CA LYS A 134 0.25 9.47 -26.00
C LYS A 134 1.15 9.76 -24.82
N PRO A 135 2.17 8.94 -24.56
CA PRO A 135 3.08 9.24 -23.46
C PRO A 135 3.59 10.69 -23.48
N GLU A 136 3.86 11.25 -24.67
CA GLU A 136 4.41 12.63 -24.78
C GLU A 136 3.37 13.62 -24.26
N GLU A 137 2.10 13.23 -24.23
CA GLU A 137 1.06 14.17 -23.75
C GLU A 137 0.93 14.08 -22.23
N VAL A 138 1.59 13.12 -21.59
CA VAL A 138 1.35 12.83 -20.14
C VAL A 138 2.50 13.42 -19.33
N PRO A 139 2.30 14.53 -18.60
CA PRO A 139 3.39 15.16 -17.89
C PRO A 139 3.77 14.28 -16.72
N THR A 140 4.99 14.46 -16.24
CA THR A 140 5.50 13.69 -15.09
C THR A 140 5.71 14.58 -13.86
N THR A 141 5.12 15.75 -13.80
CA THR A 141 5.20 16.68 -12.68
C THR A 141 3.81 17.23 -12.35
N ARG A 142 3.62 17.64 -11.12
CA ARG A 142 2.37 18.26 -10.66
C ARG A 142 2.07 19.50 -11.49
N GLU A 143 3.08 20.33 -11.76
CA GLU A 143 2.82 21.55 -12.54
C GLU A 143 2.37 21.15 -13.93
N GLY A 144 3.04 20.15 -14.54
CA GLY A 144 2.69 19.72 -15.90
C GLY A 144 1.26 19.23 -15.92
N LEU A 145 0.90 18.40 -14.95
CA LEU A 145 -0.46 17.84 -14.93
C LEU A 145 -1.48 18.95 -14.77
N ALA A 146 -1.23 19.93 -13.90
CA ALA A 146 -2.13 21.07 -13.74
C ALA A 146 -2.28 21.78 -15.10
N ARG A 147 -1.22 21.85 -15.87
CA ARG A 147 -1.27 22.49 -17.21
C ARG A 147 -2.15 21.64 -18.15
N LEU A 148 -1.93 20.33 -18.20
CA LEU A 148 -2.77 19.44 -19.01
C LEU A 148 -4.24 19.64 -18.65
N LEU A 149 -4.59 19.67 -17.36
CA LEU A 149 -6.02 19.73 -16.92
C LEU A 149 -6.67 21.09 -17.19
N GLN A 150 -5.94 22.09 -17.68
CA GLN A 150 -6.53 23.36 -18.21
C GLN A 150 -7.21 23.10 -19.56
N GLU A 151 -6.85 22.04 -20.26
CA GLU A 151 -7.41 21.75 -21.63
C GLU A 151 -8.91 21.46 -21.53
N PRO A 152 -9.82 22.18 -22.24
CA PRO A 152 -11.24 21.79 -22.25
C PRO A 152 -11.41 20.31 -22.50
N ARG A 153 -10.56 19.73 -23.33
CA ARG A 153 -10.83 18.30 -23.71
C ARG A 153 -10.53 17.32 -22.58
N MET A 154 -9.82 17.76 -21.52
CA MET A 154 -9.62 16.97 -20.29
C MET A 154 -10.77 17.12 -19.30
N ARG A 155 -11.72 18.00 -19.53
CA ARG A 155 -12.88 18.13 -18.62
C ARG A 155 -13.64 16.80 -18.57
N GLY A 156 -13.88 16.30 -17.36
CA GLY A 156 -14.53 15.00 -17.07
C GLY A 156 -13.61 13.81 -17.37
N ARG A 157 -12.34 14.02 -17.77
CA ARG A 157 -11.48 12.90 -18.22
C ARG A 157 -10.41 12.56 -17.19
N VAL A 158 -10.59 12.94 -15.93
CA VAL A 158 -9.57 12.72 -14.86
C VAL A 158 -10.24 12.03 -13.68
N ALA A 159 -9.55 11.07 -13.13
CA ALA A 159 -9.95 10.36 -11.90
C ALA A 159 -8.90 10.58 -10.82
N THR A 160 -9.32 10.58 -9.56
CA THR A 160 -8.36 10.53 -8.41
C THR A 160 -9.13 9.94 -7.24
N TRP A 161 -8.45 9.84 -6.11
CA TRP A 161 -9.05 9.34 -4.85
C TRP A 161 -10.10 10.33 -4.33
N ASP A 162 -11.09 9.78 -3.61
CA ASP A 162 -11.93 10.58 -2.68
C ASP A 162 -11.35 10.42 -1.29
N PRO A 163 -10.54 11.40 -0.78
CA PRO A 163 -9.88 11.20 0.50
C PRO A 163 -10.84 11.19 1.69
N GLU A 164 -12.09 11.55 1.46
CA GLU A 164 -13.17 11.48 2.50
C GLU A 164 -13.79 10.08 2.55
N ARG A 165 -13.53 9.17 1.60
CA ARG A 165 -14.13 7.81 1.62
C ARG A 165 -13.09 6.71 1.45
N SER A 166 -11.79 7.04 1.42
CA SER A 166 -10.76 6.00 1.37
C SER A 166 -9.72 6.31 2.43
N ALA A 167 -9.41 5.36 3.31
CA ALA A 167 -8.31 5.55 4.29
C ALA A 167 -7.05 5.79 3.47
N VAL A 168 -6.84 4.94 2.50
CA VAL A 168 -5.57 4.93 1.73
C VAL A 168 -5.50 6.18 0.82
N GLY A 169 -6.59 6.60 0.23
CA GLY A 169 -6.60 7.81 -0.59
C GLY A 169 -6.29 9.02 0.24
N PHE A 170 -6.78 9.07 1.49
CA PHE A 170 -6.49 10.18 2.42
C PHE A 170 -4.98 10.22 2.65
N THR A 171 -4.41 9.09 3.03
CA THR A 171 -2.98 9.09 3.38
C THR A 171 -2.15 9.65 2.22
N ILE A 172 -2.42 9.14 1.02
CA ILE A 172 -1.59 9.50 -0.18
CA ILE A 172 -1.54 9.50 -0.14
C ILE A 172 -1.75 10.98 -0.51
N LEU A 173 -3.00 11.48 -0.58
CA LEU A 173 -3.19 12.87 -0.99
C LEU A 173 -2.81 13.84 0.14
N LYS A 174 -2.95 13.43 1.39
CA LYS A 174 -2.51 14.26 2.52
C LYS A 174 -0.98 14.39 2.48
N ALA A 175 -0.31 13.29 2.23
CA ALA A 175 1.17 13.31 2.16
C ALA A 175 1.62 14.22 1.03
N ASP A 176 0.94 14.13 -0.12
CA ASP A 176 1.17 15.03 -1.28
C ASP A 176 1.00 16.48 -0.89
N TYR A 177 -0.12 16.84 -0.28
CA TYR A 177 -0.47 18.19 0.19
C TYR A 177 0.58 18.71 1.19
N ASP A 178 1.00 17.85 2.10
CA ASP A 178 2.02 18.22 3.13
C ASP A 178 3.40 18.41 2.52
N ARG A 179 3.78 17.66 1.49
CA ARG A 179 5.19 17.60 1.01
CA ARG A 179 5.21 17.65 1.05
C ARG A 179 5.42 18.51 -0.20
N PHE A 180 4.45 18.62 -1.10
CA PHE A 180 4.66 19.27 -2.41
C PHE A 180 3.77 20.47 -2.50
N PRO A 181 4.35 21.68 -2.41
CA PRO A 181 3.61 22.89 -2.76
C PRO A 181 2.79 22.89 -4.06
N ALA A 182 3.30 22.24 -5.12
CA ALA A 182 2.63 22.20 -6.44
C ALA A 182 1.36 21.37 -6.38
N PHE A 183 1.20 20.54 -5.35
CA PHE A 183 -0.10 19.83 -5.19
C PHE A 183 -1.26 20.81 -5.14
N GLN A 184 -1.13 21.97 -4.48
CA GLN A 184 -2.30 22.87 -4.39
C GLN A 184 -2.73 23.34 -5.77
N GLU A 185 -1.80 23.62 -6.67
CA GLU A 185 -2.16 24.04 -8.04
C GLU A 185 -2.76 22.83 -8.80
N LEU A 186 -2.26 21.62 -8.52
CA LEU A 186 -2.87 20.44 -9.15
C LEU A 186 -4.28 20.23 -8.66
N ALA A 187 -4.54 20.34 -7.35
CA ALA A 187 -5.92 20.14 -6.83
C ALA A 187 -6.87 21.16 -7.44
N ARG A 188 -6.48 22.43 -7.55
CA ARG A 188 -7.40 23.39 -8.18
C ARG A 188 -7.71 22.89 -9.60
N ALA A 189 -6.70 22.40 -10.33
CA ALA A 189 -6.87 21.86 -11.70
C ALA A 189 -7.84 20.68 -11.68
N PHE A 190 -7.82 19.87 -10.63
CA PHE A 190 -8.85 18.81 -10.50
C PHE A 190 -10.25 19.43 -10.55
N GLY A 191 -10.45 20.53 -9.85
CA GLY A 191 -11.73 21.25 -9.89
C GLY A 191 -12.06 21.73 -11.30
N LYS A 192 -11.11 22.39 -11.95
CA LYS A 192 -11.34 22.91 -13.33
C LYS A 192 -11.75 21.74 -14.23
N ALA A 193 -11.02 20.64 -14.16
CA ALA A 193 -11.21 19.47 -15.03
C ALA A 193 -12.38 18.60 -14.51
N GLN A 194 -13.08 18.95 -13.43
CA GLN A 194 -14.29 18.22 -12.94
C GLN A 194 -13.88 16.76 -12.67
N ALA A 195 -12.78 16.63 -11.95
CA ALA A 195 -12.20 15.30 -11.59
C ALA A 195 -13.29 14.49 -10.89
N ALA A 196 -13.44 13.22 -11.24
CA ALA A 196 -14.31 12.26 -10.53
C ALA A 196 -13.49 11.56 -9.47
N LEU A 197 -14.08 11.32 -8.29
CA LEU A 197 -13.32 10.89 -7.09
C LEU A 197 -13.83 9.52 -6.72
N TYR A 198 -12.93 8.60 -6.49
CA TYR A 198 -13.25 7.18 -6.25
C TYR A 198 -12.74 6.73 -4.92
N SER A 199 -13.41 5.77 -4.30
CA SER A 199 -12.91 5.04 -3.11
C SER A 199 -12.29 3.71 -3.51
N SER A 200 -12.55 3.28 -4.75
CA SER A 200 -12.07 1.99 -5.27
C SER A 200 -11.05 2.29 -6.40
N THR A 201 -9.83 1.80 -6.28
CA THR A 201 -8.86 1.79 -7.41
C THR A 201 -9.49 1.06 -8.60
N GLY A 202 -10.11 -0.10 -8.38
CA GLY A 202 -10.79 -0.81 -9.46
C GLY A 202 -11.81 0.01 -10.22
N ALA A 203 -12.69 0.75 -9.54
CA ALA A 203 -13.75 1.53 -10.21
C ALA A 203 -13.11 2.66 -11.01
N ALA A 204 -12.05 3.23 -10.48
CA ALA A 204 -11.34 4.35 -11.18
C ALA A 204 -10.71 3.75 -12.46
N PHE A 205 -10.05 2.60 -12.30
CA PHE A 205 -9.35 2.02 -13.48
C PHE A 205 -10.33 1.58 -14.52
N GLU A 206 -11.53 1.08 -14.15
CA GLU A 206 -12.54 0.68 -15.12
C GLU A 206 -12.92 1.84 -16.05
N LYS A 207 -13.04 3.08 -15.48
CA LYS A 207 -13.42 4.21 -16.34
C LYS A 207 -12.23 4.64 -17.18
N VAL A 208 -11.00 4.50 -16.69
CA VAL A 208 -9.82 4.80 -17.53
C VAL A 208 -9.76 3.81 -18.68
N ILE A 209 -9.91 2.53 -18.38
CA ILE A 209 -9.87 1.47 -19.42
C ILE A 209 -10.96 1.70 -20.49
N SER A 210 -12.15 2.06 -20.07
CA SER A 210 -13.28 2.25 -20.98
C SER A 210 -13.14 3.54 -21.78
N GLY A 211 -12.33 4.48 -21.29
CA GLY A 211 -12.13 5.76 -21.98
C GLY A 211 -12.97 6.90 -21.44
N GLU A 212 -13.83 6.60 -20.49
CA GLU A 212 -14.65 7.66 -19.84
CA GLU A 212 -14.65 7.66 -19.85
C GLU A 212 -13.72 8.66 -19.16
N HIS A 213 -12.64 8.16 -18.58
CA HIS A 213 -11.49 9.03 -18.18
C HIS A 213 -10.29 8.66 -19.02
N TYR A 214 -9.35 9.57 -19.19
CA TYR A 214 -8.12 9.35 -19.95
C TYR A 214 -6.95 9.13 -18.96
N LEU A 215 -7.08 9.66 -17.75
CA LEU A 215 -5.93 9.77 -16.82
C LEU A 215 -6.44 9.60 -15.38
N ALA A 216 -5.62 8.98 -14.54
CA ALA A 216 -5.95 8.84 -13.09
C ALA A 216 -4.71 9.24 -12.30
N TYR A 217 -4.89 9.98 -11.23
CA TYR A 217 -3.76 10.44 -10.36
C TYR A 217 -3.84 9.84 -8.97
N GLY A 218 -2.69 9.33 -8.48
CA GLY A 218 -2.54 9.02 -7.05
C GLY A 218 -2.79 7.58 -6.74
N PHE A 219 -3.10 6.75 -7.72
CA PHE A 219 -3.25 5.31 -7.43
C PHE A 219 -1.92 4.55 -7.41
N PHE A 220 -1.90 3.32 -6.88
CA PHE A 220 -0.63 2.62 -6.53
C PHE A 220 0.03 2.11 -7.85
N GLY A 221 1.35 2.25 -7.98
CA GLY A 221 2.08 1.63 -9.07
C GLY A 221 1.91 0.10 -9.09
N SER A 222 1.82 -0.53 -7.93
CA SER A 222 1.67 -1.99 -7.85
C SER A 222 0.42 -2.43 -8.63
N TYR A 223 -0.71 -1.79 -8.34
CA TYR A 223 -1.97 -2.18 -8.95
C TYR A 223 -1.84 -1.93 -10.46
N ALA A 224 -1.27 -0.80 -10.87
CA ALA A 224 -1.12 -0.49 -12.31
C ALA A 224 -0.29 -1.57 -13.03
N LEU A 225 0.86 -2.03 -12.46
CA LEU A 225 1.71 -3.01 -13.14
C LEU A 225 0.96 -4.33 -13.23
N LEU A 226 0.21 -4.67 -12.18
CA LEU A 226 -0.57 -5.94 -12.19
C LEU A 226 -1.58 -5.87 -13.35
N ARG A 227 -2.27 -4.77 -13.44
CA ARG A 227 -3.31 -4.71 -14.48
C ARG A 227 -2.65 -4.69 -15.86
N GLN A 228 -1.46 -4.08 -16.00
CA GLN A 228 -0.75 -4.17 -17.33
C GLN A 228 -0.54 -5.60 -17.80
N ARG A 229 -0.46 -6.59 -16.97
CA ARG A 229 -0.31 -8.00 -17.45
C ARG A 229 -1.44 -8.36 -18.42
N THR A 230 -2.64 -7.79 -18.22
CA THR A 230 -3.81 -8.19 -19.03
C THR A 230 -4.45 -7.02 -19.74
N VAL A 231 -4.09 -5.79 -19.45
CA VAL A 231 -4.77 -4.59 -20.01
C VAL A 231 -3.78 -3.84 -20.88
N LYS A 232 -3.83 -4.03 -22.18
CA LYS A 232 -2.63 -3.53 -22.93
C LYS A 232 -2.71 -1.98 -23.08
N ASP A 233 -3.86 -1.30 -22.91
CA ASP A 233 -4.04 0.14 -23.14
C ASP A 233 -3.65 0.94 -21.89
N LEU A 234 -3.37 0.29 -20.75
CA LEU A 234 -3.02 1.07 -19.56
C LEU A 234 -1.57 1.47 -19.60
N GLY A 235 -1.31 2.75 -19.44
CA GLY A 235 0.03 3.31 -19.35
C GLY A 235 0.30 3.81 -17.93
N ILE A 236 1.59 3.79 -17.56
CA ILE A 236 2.04 4.33 -16.25
C ILE A 236 3.06 5.43 -16.47
N ALA A 237 2.90 6.55 -15.77
CA ALA A 237 3.95 7.59 -15.73
C ALA A 237 4.31 7.81 -14.28
N TYR A 238 5.60 7.83 -13.99
CA TYR A 238 6.15 8.08 -12.67
C TYR A 238 6.43 9.58 -12.54
N LEU A 239 6.10 10.11 -11.39
CA LEU A 239 6.37 11.55 -11.13
C LEU A 239 7.87 11.73 -10.89
N THR A 240 8.40 12.76 -11.51
CA THR A 240 9.83 13.08 -11.47
C THR A 240 10.04 14.31 -10.61
N ASP A 241 8.99 14.98 -10.15
CA ASP A 241 9.13 16.10 -9.21
C ASP A 241 8.93 15.68 -7.75
N GLY A 242 8.89 14.40 -7.44
CA GLY A 242 8.57 13.91 -6.11
C GLY A 242 7.46 12.87 -6.11
N THR A 243 7.76 11.73 -5.47
CA THR A 243 6.84 10.59 -5.41
C THR A 243 6.56 10.30 -3.95
N VAL A 244 5.31 10.20 -3.60
CA VAL A 244 4.91 9.65 -2.27
C VAL A 244 4.78 8.14 -2.41
N ALA A 245 5.28 7.42 -1.42
CA ALA A 245 5.14 5.96 -1.36
C ALA A 245 4.47 5.56 -0.05
N ILE A 246 3.59 4.58 -0.16
CA ILE A 246 2.92 3.96 1.00
CA ILE A 246 2.86 3.95 0.97
C ILE A 246 3.53 2.60 1.28
N GLN A 247 3.33 2.11 2.49
CA GLN A 247 3.92 0.84 2.97
C GLN A 247 2.85 0.01 3.61
N ARG A 248 2.58 -1.20 3.10
CA ARG A 248 1.62 -2.12 3.74
C ARG A 248 2.30 -2.66 5.01
N VAL A 249 1.61 -2.50 6.14
CA VAL A 249 2.17 -2.77 7.46
C VAL A 249 1.61 -4.10 7.95
N ALA A 250 2.48 -4.93 8.51
CA ALA A 250 2.07 -6.20 9.11
C ALA A 250 2.44 -6.17 10.59
N PHE A 251 1.63 -6.77 11.41
CA PHE A 251 1.99 -7.05 12.82
C PHE A 251 1.31 -8.33 13.24
N ILE A 252 1.85 -8.92 14.30
CA ILE A 252 1.30 -10.11 14.94
C ILE A 252 0.36 -9.68 16.04
N ASN A 253 -0.78 -10.31 16.10
CA ASN A 253 -1.76 -10.09 17.22
C ASN A 253 -1.08 -10.52 18.53
N LYS A 254 -1.02 -9.66 19.54
CA LYS A 254 -0.53 -10.04 20.86
C LYS A 254 -1.32 -11.28 21.35
N ARG A 255 -2.61 -11.35 21.05
CA ARG A 255 -3.51 -12.40 21.47
C ARG A 255 -3.68 -13.45 20.41
N ALA A 256 -2.69 -13.56 19.51
CA ALA A 256 -2.73 -14.66 18.50
C ALA A 256 -2.86 -16.03 19.22
N ALA A 257 -3.74 -16.91 18.74
CA ALA A 257 -3.79 -18.33 19.14
C ALA A 257 -2.55 -19.04 18.52
N HIS A 258 -2.04 -18.55 17.40
CA HIS A 258 -0.94 -19.21 16.65
C HIS A 258 0.17 -18.19 16.39
N PRO A 259 0.80 -17.72 17.48
CA PRO A 259 1.84 -16.69 17.35
C PRO A 259 3.04 -17.15 16.52
N ASN A 260 3.40 -18.44 16.61
CA ASN A 260 4.65 -18.85 15.97
C ASN A 260 4.35 -19.00 14.50
N ALA A 261 3.22 -19.54 14.07
CA ALA A 261 2.85 -19.53 12.63
C ALA A 261 2.89 -18.09 12.09
N ALA A 262 2.48 -17.11 12.88
CA ALA A 262 2.41 -15.72 12.42
C ALA A 262 3.86 -15.21 12.29
N LYS A 263 4.78 -15.57 13.22
CA LYS A 263 6.19 -15.19 13.13
C LYS A 263 6.81 -15.76 11.84
N LEU A 264 6.44 -16.98 11.51
CA LEU A 264 6.97 -17.59 10.27
C LEU A 264 6.48 -16.79 9.09
N PHE A 265 5.21 -16.42 9.09
CA PHE A 265 4.62 -15.76 7.93
C PHE A 265 5.20 -14.33 7.86
N LEU A 266 5.36 -13.63 8.97
CA LEU A 266 5.96 -12.28 8.93
C LEU A 266 7.40 -12.37 8.35
N ASP A 267 8.14 -13.33 8.86
CA ASP A 267 9.53 -13.53 8.46
C ASP A 267 9.53 -13.82 6.97
N TYR A 268 8.59 -14.67 6.53
CA TYR A 268 8.51 -15.01 5.12
C TYR A 268 8.26 -13.73 4.29
N LEU A 269 7.27 -12.92 4.68
CA LEU A 269 6.98 -11.69 3.93
C LEU A 269 8.19 -10.78 3.87
N LEU A 270 9.01 -10.68 4.91
CA LEU A 270 10.15 -9.72 4.87
C LEU A 270 11.39 -10.31 4.20
N SER A 271 11.45 -11.61 4.12
CA SER A 271 12.61 -12.29 3.52
C SER A 271 12.88 -11.80 2.09
N LEU A 272 14.07 -12.15 1.67
CA LEU A 272 14.52 -12.10 0.29
C LEU A 272 13.53 -12.97 -0.51
N ARG A 273 13.25 -14.21 -0.04
CA ARG A 273 12.41 -15.16 -0.82
C ARG A 273 11.04 -14.56 -1.03
N GLY A 274 10.38 -14.09 0.03
CA GLY A 274 9.02 -13.57 -0.02
C GLY A 274 8.95 -12.21 -0.75
N GLN A 275 9.91 -11.33 -0.48
CA GLN A 275 9.93 -10.01 -1.19
C GLN A 275 10.12 -10.20 -2.71
N ASN A 276 10.98 -11.14 -3.09
CA ASN A 276 11.17 -11.38 -4.53
C ASN A 276 9.92 -11.95 -5.13
N LEU A 277 9.29 -12.97 -4.52
CA LEU A 277 8.11 -13.62 -5.09
CA LEU A 277 8.11 -13.63 -5.11
C LEU A 277 7.00 -12.59 -5.20
N MET A 278 6.87 -11.76 -4.18
CA MET A 278 5.79 -10.75 -4.17
C MET A 278 6.01 -9.83 -5.41
N ALA A 279 7.22 -9.33 -5.57
CA ALA A 279 7.51 -8.41 -6.67
C ALA A 279 7.29 -9.09 -8.03
N TYR A 280 7.68 -10.35 -8.15
CA TYR A 280 7.68 -11.15 -9.41
C TYR A 280 6.23 -11.57 -9.75
N THR A 281 5.45 -12.09 -8.80
CA THR A 281 4.09 -12.63 -9.01
C THR A 281 2.96 -11.61 -8.86
N ALA A 282 3.01 -10.76 -7.79
CA ALA A 282 1.91 -9.88 -7.43
C ALA A 282 2.16 -8.49 -8.03
N LEU A 283 3.42 -8.22 -8.46
CA LEU A 283 3.87 -6.91 -8.93
C LEU A 283 3.58 -5.90 -7.81
N ILE A 284 3.70 -6.35 -6.56
CA ILE A 284 3.63 -5.43 -5.40
C ILE A 284 5.05 -4.92 -5.11
N PHE A 285 5.28 -3.61 -5.17
CA PHE A 285 6.58 -3.00 -5.07
C PHE A 285 7.16 -3.43 -3.73
N ALA A 286 8.31 -4.07 -3.76
CA ALA A 286 8.99 -4.56 -2.56
C ALA A 286 9.46 -3.43 -1.67
N ARG A 287 9.62 -3.73 -0.41
CA ARG A 287 10.32 -2.85 0.54
C ARG A 287 11.81 -3.14 0.56
N ARG A 288 12.21 -4.40 0.36
CA ARG A 288 13.61 -4.79 0.56
C ARG A 288 14.44 -4.22 -0.59
N GLU A 289 15.53 -3.53 -0.26
CA GLU A 289 16.29 -2.69 -1.19
C GLU A 289 17.04 -3.49 -2.27
N THR A 290 17.32 -4.78 -2.00
CA THR A 290 18.12 -5.54 -2.99
C THR A 290 17.26 -6.26 -4.08
N VAL A 291 15.94 -6.21 -3.99
CA VAL A 291 15.13 -7.04 -4.92
C VAL A 291 15.38 -6.56 -6.33
N VAL A 292 15.42 -7.46 -7.29
CA VAL A 292 15.66 -7.12 -8.70
C VAL A 292 14.38 -7.31 -9.52
N GLY A 293 14.03 -6.30 -10.32
CA GLY A 293 12.79 -6.36 -11.15
C GLY A 293 12.12 -5.00 -11.18
N GLU A 294 11.02 -4.94 -11.88
CA GLU A 294 10.31 -3.67 -12.11
C GLU A 294 9.61 -3.18 -10.83
N ALA A 295 9.01 -4.04 -10.04
CA ALA A 295 8.29 -3.67 -8.81
C ALA A 295 9.25 -3.71 -7.60
N THR A 296 10.24 -2.84 -7.61
CA THR A 296 11.36 -2.82 -6.61
C THR A 296 11.80 -1.40 -6.34
N PRO A 297 12.45 -1.19 -5.18
CA PRO A 297 12.97 0.14 -4.88
C PRO A 297 13.97 0.59 -5.95
N GLN A 298 14.88 -0.28 -6.40
CA GLN A 298 15.88 0.21 -7.38
C GLN A 298 15.21 0.65 -8.68
N ALA A 299 14.19 -0.05 -9.15
CA ALA A 299 13.47 0.29 -10.40
C ALA A 299 12.76 1.64 -10.13
N LEU A 300 12.08 1.72 -9.02
CA LEU A 300 11.36 2.98 -8.69
C LEU A 300 12.32 4.18 -8.65
N TYR A 301 13.43 4.06 -7.92
CA TYR A 301 14.39 5.20 -7.85
C TYR A 301 14.86 5.56 -9.27
N LYS A 302 15.12 4.56 -10.12
CA LYS A 302 15.57 4.85 -11.51
C LYS A 302 14.45 5.64 -12.23
N ALA A 303 13.19 5.26 -12.10
CA ALA A 303 12.07 5.84 -12.83
C ALA A 303 11.86 7.29 -12.36
N VAL A 304 12.10 7.60 -11.11
CA VAL A 304 11.65 8.93 -10.61
C VAL A 304 12.83 9.89 -10.63
N GLY A 305 14.01 9.37 -10.95
CA GLY A 305 15.27 10.18 -11.00
C GLY A 305 16.00 10.22 -9.68
N GLY A 306 15.82 9.23 -8.82
CA GLY A 306 16.68 9.08 -7.65
C GLY A 306 15.94 8.74 -6.40
N LYS A 307 16.61 8.02 -5.50
CA LYS A 307 16.02 7.71 -4.20
C LYS A 307 15.60 8.99 -3.45
N ASP A 308 16.31 10.10 -3.60
CA ASP A 308 15.94 11.34 -2.88
C ASP A 308 14.61 11.94 -3.32
N LYS A 309 14.07 11.50 -4.46
CA LYS A 309 12.76 11.98 -4.97
C LYS A 309 11.62 11.15 -4.39
N VAL A 310 11.90 10.10 -3.65
CA VAL A 310 10.81 9.32 -3.03
C VAL A 310 10.65 9.67 -1.57
N TYR A 311 9.43 10.02 -1.15
CA TYR A 311 9.08 10.24 0.27
C TYR A 311 8.23 9.04 0.71
N ALA A 312 8.83 8.18 1.53
CA ALA A 312 8.14 7.00 2.12
C ALA A 312 7.33 7.52 3.32
N ILE A 313 6.02 7.31 3.31
CA ILE A 313 5.25 7.53 4.58
C ILE A 313 5.78 6.56 5.60
N PRO A 314 6.23 7.04 6.78
CA PRO A 314 6.93 6.17 7.72
C PRO A 314 6.01 5.30 8.57
N VAL A 315 6.53 4.17 8.98
CA VAL A 315 5.86 3.28 9.94
C VAL A 315 6.23 3.79 11.34
N SER A 316 5.57 4.85 11.73
CA SER A 316 5.96 5.62 12.94
C SER A 316 4.68 6.28 13.51
N THR A 317 4.67 6.46 14.83
CA THR A 317 3.52 7.06 15.51
C THR A 317 3.33 8.50 15.01
N GLU A 318 4.28 9.12 14.32
CA GLU A 318 4.09 10.50 13.81
C GLU A 318 2.85 10.50 12.91
N ILE A 319 2.54 9.43 12.18
CA ILE A 319 1.45 9.48 11.18
C ILE A 319 0.07 9.47 11.89
N LEU A 320 0.03 9.19 13.19
CA LEU A 320 -1.25 9.29 13.91
C LEU A 320 -1.76 10.75 13.94
N LYS A 321 -0.95 11.75 13.66
CA LYS A 321 -1.48 13.13 13.52
C LYS A 321 -2.55 13.13 12.44
N ASN A 322 -2.57 12.20 11.48
CA ASN A 322 -3.58 12.24 10.39
C ASN A 322 -4.95 11.85 10.93
N LEU A 323 -5.02 11.28 12.12
CA LEU A 323 -6.30 10.91 12.78
C LEU A 323 -6.79 12.06 13.64
N ASP A 324 -6.01 13.10 13.85
CA ASP A 324 -6.44 14.30 14.62
C ASP A 324 -7.35 15.15 13.75
N PRO A 325 -8.62 15.45 14.14
CA PRO A 325 -9.51 16.21 13.27
C PRO A 325 -8.93 17.57 12.89
N ALA A 326 -8.18 18.23 13.77
CA ALA A 326 -7.58 19.55 13.49
C ALA A 326 -6.65 19.49 12.26
N GLU A 327 -5.90 18.39 12.17
CA GLU A 327 -4.94 18.18 11.07
C GLU A 327 -5.72 17.80 9.82
N ARG A 328 -6.70 16.94 9.98
CA ARG A 328 -7.53 16.52 8.84
C ARG A 328 -8.22 17.73 8.24
N MET A 329 -8.79 18.57 9.09
CA MET A 329 -9.64 19.70 8.62
C MET A 329 -8.86 20.69 7.73
N ARG A 330 -7.60 21.00 8.00
N ARG A 330 -7.60 21.10 7.97
CA ARG A 330 -6.90 22.02 7.18
CA ARG A 330 -6.95 22.12 7.07
C ARG A 330 -6.78 21.48 5.75
C ARG A 330 -6.85 21.47 5.68
N PHE A 331 -6.46 20.20 5.62
CA PHE A 331 -6.30 19.51 4.32
C PHE A 331 -7.67 19.41 3.63
N LEU A 332 -8.62 18.85 4.35
CA LEU A 332 -9.95 18.60 3.74
C LEU A 332 -10.64 19.91 3.40
N THR A 333 -10.47 20.98 4.18
CA THR A 333 -11.07 22.28 3.81
C THR A 333 -10.47 22.74 2.48
N PHE A 334 -9.16 22.67 2.36
CA PHE A 334 -8.51 23.11 1.10
C PHE A 334 -9.01 22.21 -0.04
N TRP A 335 -9.04 20.90 0.24
CA TRP A 335 -9.42 19.90 -0.80
C TRP A 335 -10.84 20.17 -1.32
N ARG A 336 -11.86 20.21 -0.43
CA ARG A 336 -13.28 20.41 -0.82
C ARG A 336 -13.41 21.69 -1.65
N GLN A 337 -12.78 22.78 -1.25
CA GLN A 337 -12.79 24.07 -1.97
C GLN A 337 -12.14 23.92 -3.36
N ALA A 338 -11.01 23.23 -3.45
CA ALA A 338 -10.19 23.26 -4.69
C ALA A 338 -10.83 22.35 -5.73
N VAL A 339 -11.46 21.27 -5.28
CA VAL A 339 -11.88 20.18 -6.23
C VAL A 339 -13.36 20.30 -6.52
N ARG A 340 -14.16 20.94 -5.64
CA ARG A 340 -15.58 21.38 -5.88
C ARG A 340 -15.78 22.75 -5.25
#